data_4J9R
#
_entry.id   4J9R
#
_cell.length_a   98.820
_cell.length_b   98.820
_cell.length_c   81.110
_cell.angle_alpha   90.000
_cell.angle_beta   90.000
_cell.angle_gamma   120.000
#
_symmetry.space_group_name_H-M   'P 61'
#
loop_
_entity.id
_entity.type
_entity.pdbx_description
1 polymer 'DNA polymerase eta'
2 polymer "DNA (5'-D(*T*AP*CP*TP*TP*AP*TP*GP*AP*CP*GP*T)-3')"
3 polymer "DNA (5'-D(P*TP*AP*CP*GP*TP*CP*AP*TP*G)-3')"
4 non-polymer GLYCEROL
5 water water
#
loop_
_entity_poly.entity_id
_entity_poly.type
_entity_poly.pdbx_seq_one_letter_code
_entity_poly.pdbx_strand_id
1 'polypeptide(L)'
;GPHMATGQDRVVALVDMDCFFVQVEQRQNPHLRNKPCAVVQYKSWKGGGIIAVSYEARAFGVTRSMWADDAKKLCPDLLL
AQVRESRGKANLTKYREASVEVMEIMSRFAVIERASIDEAYVDLTSAVQERLQKLQGQPISADLLPSTYIEGLPQGPTTA
EETVQKEGMRKQGLFQWLDSLQIDNLTSPDLQLTVGAVIVEEMRAAIERETGFQCSAGISHNKVLAKLACGLNKPNRQTL
VSHGSVPQLFSQMPIRKIRSLGGKLGASVIEILGIEYMGELTQFTESQLQSHFGEKNGSWLYAMCRGIEHDPVKPRQLPK
TIGCSKNFPGKTALATREQVQWWLLQLAQELEERLTKDRNDNDRVATQLVVSIRVQGDKRLSSLRRCCALTRYDAHKMSH
DAFTVIKNCNTSGIQTEWSPPLTMLFLCATKFSAS
;
A
2 'polydeoxyribonucleotide' (DT)(DA)(DC)(DT)(DT)(DA)(DT)(DG)(DA)(DC)(DG)(DT) T
3 'polydeoxyribonucleotide' (DT)(DA)(DC)(DG)(DT)(DC)(DA)(DT)(DG) P
#
loop_
_chem_comp.id
_chem_comp.type
_chem_comp.name
_chem_comp.formula
DA DNA linking 2'-DEOXYADENOSINE-5'-MONOPHOSPHATE 'C10 H14 N5 O6 P'
DC DNA linking 2'-DEOXYCYTIDINE-5'-MONOPHOSPHATE 'C9 H14 N3 O7 P'
DG DNA linking 2'-DEOXYGUANOSINE-5'-MONOPHOSPHATE 'C10 H14 N5 O7 P'
DT DNA linking THYMIDINE-5'-MONOPHOSPHATE 'C10 H15 N2 O8 P'
GOL non-polymer GLYCEROL 'C3 H8 O3'
#
# COMPACT_ATOMS: atom_id res chain seq x y z
N THR A 6 -7.64 -25.69 -1.63
CA THR A 6 -8.59 -24.70 -2.13
C THR A 6 -8.13 -23.28 -1.82
N GLY A 7 -6.87 -23.17 -1.42
CA GLY A 7 -6.30 -21.89 -1.00
C GLY A 7 -7.03 -21.26 0.18
N GLN A 8 -7.48 -22.10 1.13
CA GLN A 8 -8.27 -21.67 2.27
C GLN A 8 -7.55 -21.96 3.60
N ASP A 9 -6.28 -22.36 3.50
CA ASP A 9 -5.45 -22.63 4.66
C ASP A 9 -5.20 -21.39 5.54
N ARG A 10 -4.87 -20.27 4.90
CA ARG A 10 -4.43 -19.07 5.61
C ARG A 10 -5.55 -18.07 5.82
N VAL A 11 -5.38 -17.19 6.79
CA VAL A 11 -6.20 -16.00 6.90
C VAL A 11 -5.29 -14.79 6.78
N VAL A 12 -5.54 -13.93 5.80
CA VAL A 12 -4.70 -12.78 5.53
C VAL A 12 -5.52 -11.51 5.36
N ALA A 13 -5.02 -10.43 5.97
CA ALA A 13 -5.68 -9.15 5.86
C ALA A 13 -4.76 -8.14 5.19
N LEU A 14 -5.34 -7.20 4.45
CA LEU A 14 -4.63 -6.03 3.99
C LEU A 14 -5.30 -4.79 4.61
N VAL A 15 -4.54 -4.04 5.41
CA VAL A 15 -5.04 -2.83 6.04
C VAL A 15 -4.47 -1.61 5.31
N ASP A 16 -5.34 -0.65 5.03
CA ASP A 16 -4.94 0.54 4.30
C ASP A 16 -5.43 1.79 5.03
N MET A 17 -4.53 2.74 5.28
CA MET A 17 -4.93 4.00 5.88
C MET A 17 -5.56 4.91 4.83
N ASP A 18 -6.83 5.23 5.02
CA ASP A 18 -7.58 6.05 4.07
C ASP A 18 -6.95 7.42 3.94
N CYS A 19 -6.51 7.77 2.73
CA CYS A 19 -5.90 9.08 2.47
C CYS A 19 -4.97 9.49 3.61
N PHE A 20 -3.95 8.67 3.85
CA PHE A 20 -3.16 8.74 5.06
C PHE A 20 -2.50 10.10 5.36
N PHE A 21 -1.86 10.69 4.36
CA PHE A 21 -1.21 11.99 4.57
C PHE A 21 -2.23 13.07 4.98
N VAL A 22 -3.42 13.01 4.40
CA VAL A 22 -4.52 13.91 4.77
C VAL A 22 -4.94 13.72 6.24
N GLN A 23 -5.08 12.46 6.66
CA GLN A 23 -5.42 12.17 8.05
C GLN A 23 -4.37 12.71 9.00
N VAL A 24 -3.09 12.51 8.64
CA VAL A 24 -2.02 13.02 9.48
C VAL A 24 -2.19 14.54 9.64
N GLU A 25 -2.41 15.23 8.53
CA GLU A 25 -2.65 16.67 8.55
C GLU A 25 -3.94 17.07 9.27
N GLN A 26 -5.00 16.30 9.09
CA GLN A 26 -6.26 16.57 9.75
C GLN A 26 -6.20 16.37 11.27
N ARG A 27 -5.40 15.40 11.71
CA ARG A 27 -5.28 15.20 13.14
C ARG A 27 -4.59 16.41 13.77
N GLN A 28 -3.49 16.82 13.15
CA GLN A 28 -2.72 17.96 13.60
C GLN A 28 -3.41 19.33 13.46
N ASN A 29 -4.23 19.51 12.42
N ASN A 29 -4.25 19.47 12.43
CA ASN A 29 -4.99 20.76 12.24
CA ASN A 29 -4.97 20.72 12.22
C ASN A 29 -6.48 20.48 12.11
C ASN A 29 -6.49 20.49 12.10
N PRO A 30 -7.20 20.50 13.24
CA PRO A 30 -8.64 20.27 13.34
C PRO A 30 -9.51 21.03 12.31
N HIS A 31 -9.09 22.20 11.86
CA HIS A 31 -9.89 22.91 10.85
C HIS A 31 -10.04 22.12 9.54
N LEU A 32 -9.11 21.18 9.30
CA LEU A 32 -9.12 20.42 8.06
C LEU A 32 -10.05 19.22 8.09
N ARG A 33 -10.55 18.87 9.28
CA ARG A 33 -11.39 17.68 9.45
C ARG A 33 -12.74 17.79 8.76
N ASN A 34 -13.14 16.71 8.08
CA ASN A 34 -14.43 16.65 7.39
C ASN A 34 -14.64 17.75 6.34
N LYS A 35 -13.57 18.14 5.66
CA LYS A 35 -13.63 19.13 4.60
C LYS A 35 -12.91 18.53 3.40
N PRO A 36 -13.26 18.98 2.18
CA PRO A 36 -12.48 18.53 1.03
C PRO A 36 -11.07 19.04 1.22
N CYS A 37 -10.13 18.09 1.24
N CYS A 37 -10.13 18.12 1.38
CA CYS A 37 -8.78 18.38 1.65
CA CYS A 37 -8.76 18.57 1.55
C CYS A 37 -7.81 17.63 0.75
C CYS A 37 -7.79 17.64 0.85
N ALA A 38 -6.63 18.20 0.56
CA ALA A 38 -5.60 17.47 -0.15
C ALA A 38 -4.25 17.84 0.42
N VAL A 39 -3.28 16.97 0.20
CA VAL A 39 -1.92 17.25 0.58
C VAL A 39 -1.09 17.48 -0.69
N VAL A 40 -0.37 18.60 -0.74
CA VAL A 40 0.45 18.95 -1.89
C VAL A 40 1.93 19.07 -1.53
N GLN A 41 2.79 18.86 -2.53
CA GLN A 41 4.21 19.19 -2.40
C GLN A 41 4.71 20.08 -3.54
N TYR A 42 5.54 21.06 -3.22
CA TYR A 42 6.13 21.96 -4.22
C TYR A 42 5.14 22.97 -4.83
N LYS A 43 4.57 23.82 -3.99
CA LYS A 43 3.51 24.75 -4.39
C LYS A 43 3.80 25.68 -5.58
N SER A 44 5.06 25.98 -5.84
CA SER A 44 5.38 26.98 -6.85
C SER A 44 4.82 26.59 -8.22
N TRP A 45 5.08 25.37 -8.66
CA TRP A 45 4.64 24.97 -9.99
C TRP A 45 3.21 24.46 -10.03
N LYS A 46 2.31 25.29 -10.56
CA LYS A 46 0.90 24.97 -10.71
C LYS A 46 0.21 24.59 -9.39
N GLY A 47 0.60 25.27 -8.31
CA GLY A 47 0.05 25.01 -6.99
C GLY A 47 0.69 23.83 -6.27
N GLY A 48 1.54 23.08 -6.97
CA GLY A 48 2.12 21.88 -6.42
C GLY A 48 1.27 20.66 -6.78
N GLY A 49 1.89 19.49 -6.74
CA GLY A 49 1.18 18.26 -7.10
C GLY A 49 0.56 17.57 -5.90
N ILE A 50 -0.68 17.14 -6.06
CA ILE A 50 -1.40 16.50 -4.96
C ILE A 50 -0.99 15.05 -4.79
N ILE A 51 -0.70 14.65 -3.55
CA ILE A 51 -0.33 13.26 -3.28
C ILE A 51 -1.31 12.53 -2.39
N ALA A 52 -2.27 13.24 -1.81
CA ALA A 52 -3.32 12.58 -1.03
C ALA A 52 -4.54 13.45 -1.03
N VAL A 53 -5.71 12.83 -1.16
CA VAL A 53 -6.98 13.54 -1.34
C VAL A 53 -8.02 12.97 -0.38
N SER A 54 -8.76 13.83 0.31
CA SER A 54 -9.77 13.34 1.23
C SER A 54 -10.98 12.92 0.43
N TYR A 55 -11.80 12.08 1.03
CA TYR A 55 -13.01 11.62 0.38
C TYR A 55 -13.98 12.75 0.02
N GLU A 56 -14.08 13.76 0.87
CA GLU A 56 -14.90 14.92 0.57
C GLU A 56 -14.44 15.59 -0.73
N ALA A 57 -13.13 15.61 -0.98
CA ALA A 57 -12.58 16.24 -2.18
C ALA A 57 -12.67 15.34 -3.40
N ARG A 58 -12.61 14.02 -3.18
CA ARG A 58 -12.71 13.02 -4.24
C ARG A 58 -14.08 13.03 -4.90
N ALA A 59 -15.10 13.42 -4.13
CA ALA A 59 -16.44 13.56 -4.65
C ALA A 59 -16.45 14.57 -5.80
N PHE A 60 -15.59 15.58 -5.72
CA PHE A 60 -15.50 16.62 -6.76
C PHE A 60 -14.66 16.17 -7.94
N GLY A 61 -14.05 15.00 -7.85
CA GLY A 61 -13.21 14.52 -8.94
C GLY A 61 -11.74 14.81 -8.74
N VAL A 62 -11.37 15.33 -7.56
CA VAL A 62 -9.95 15.60 -7.27
C VAL A 62 -9.21 14.28 -7.03
N THR A 63 -8.07 14.10 -7.70
CA THR A 63 -7.29 12.87 -7.60
C THR A 63 -5.85 13.20 -7.31
N ARG A 64 -5.11 12.17 -6.90
CA ARG A 64 -3.66 12.26 -6.70
C ARG A 64 -2.91 12.38 -8.03
N SER A 65 -1.74 13.00 -7.98
CA SER A 65 -0.98 13.28 -9.20
C SER A 65 -1.74 14.27 -10.08
N MET A 66 -2.41 15.21 -9.45
CA MET A 66 -3.14 16.27 -10.13
C MET A 66 -2.53 17.57 -9.63
N TRP A 67 -2.48 18.60 -10.47
CA TRP A 67 -1.96 19.88 -10.03
C TRP A 67 -2.97 20.58 -9.13
N ALA A 68 -2.46 21.27 -8.10
CA ALA A 68 -3.36 21.89 -7.14
C ALA A 68 -4.25 22.96 -7.77
N ASP A 69 -3.68 23.74 -8.71
CA ASP A 69 -4.45 24.76 -9.40
C ASP A 69 -5.64 24.16 -10.16
N ASP A 70 -5.42 23.05 -10.85
CA ASP A 70 -6.50 22.36 -11.54
C ASP A 70 -7.50 21.78 -10.54
N ALA A 71 -7.00 21.27 -9.43
CA ALA A 71 -7.84 20.73 -8.37
C ALA A 71 -8.79 21.79 -7.83
N LYS A 72 -8.27 23.01 -7.68
CA LYS A 72 -9.10 24.11 -7.24
C LYS A 72 -10.19 24.44 -8.26
N LYS A 73 -9.89 24.28 -9.54
CA LYS A 73 -10.91 24.43 -10.59
C LYS A 73 -12.07 23.46 -10.35
N LEU A 74 -11.74 22.19 -10.09
CA LEU A 74 -12.75 21.16 -9.80
C LEU A 74 -13.47 21.39 -8.47
N CYS A 75 -12.73 21.84 -7.47
CA CYS A 75 -13.26 21.96 -6.11
C CYS A 75 -12.82 23.27 -5.48
N PRO A 76 -13.60 24.33 -5.72
CA PRO A 76 -13.31 25.71 -5.31
C PRO A 76 -13.02 25.88 -3.82
N ASP A 77 -13.58 25.01 -2.98
CA ASP A 77 -13.45 25.15 -1.52
C ASP A 77 -12.35 24.28 -0.90
N LEU A 78 -11.56 23.63 -1.75
CA LEU A 78 -10.54 22.69 -1.32
C LEU A 78 -9.50 23.30 -0.38
N LEU A 79 -9.28 22.64 0.75
CA LEU A 79 -8.22 23.06 1.66
C LEU A 79 -6.94 22.28 1.36
N LEU A 80 -5.81 22.97 1.36
CA LEU A 80 -4.53 22.38 0.99
C LEU A 80 -3.55 22.38 2.16
N ALA A 81 -2.89 21.24 2.35
CA ALA A 81 -1.83 21.16 3.33
C ALA A 81 -0.56 20.83 2.59
N GLN A 82 0.49 21.58 2.87
CA GLN A 82 1.75 21.36 2.18
C GLN A 82 2.68 20.50 2.99
N VAL A 83 3.39 19.65 2.29
CA VAL A 83 4.41 18.80 2.88
C VAL A 83 5.56 19.68 3.38
N ARG A 84 6.05 19.37 4.58
CA ARG A 84 7.28 19.99 5.08
C ARG A 84 8.38 19.88 4.02
N GLU A 85 9.07 20.99 3.79
CA GLU A 85 10.19 21.00 2.87
C GLU A 85 11.50 21.21 3.64
N SER A 86 12.47 20.35 3.40
CA SER A 86 13.77 20.50 4.06
C SER A 86 14.90 20.33 3.04
N ARG A 87 15.88 21.22 3.12
CA ARG A 87 17.05 21.18 2.23
C ARG A 87 16.66 21.21 0.77
N GLY A 88 15.61 21.96 0.44
CA GLY A 88 15.14 22.06 -0.93
C GLY A 88 14.37 20.85 -1.46
N LYS A 89 13.97 19.95 -0.58
CA LYS A 89 13.15 18.83 -1.02
C LYS A 89 11.99 18.52 -0.07
N ALA A 90 11.08 17.68 -0.53
CA ALA A 90 9.99 17.22 0.33
C ALA A 90 10.53 16.38 1.51
N ASN A 91 9.92 16.57 2.67
CA ASN A 91 10.32 15.90 3.88
C ASN A 91 9.13 15.13 4.43
N LEU A 92 9.22 13.81 4.44
CA LEU A 92 8.07 12.99 4.76
C LEU A 92 8.12 12.45 6.20
N THR A 93 9.07 12.92 6.99
CA THR A 93 9.30 12.46 8.36
C THR A 93 8.01 12.33 9.17
N LYS A 94 7.14 13.33 9.07
CA LYS A 94 5.90 13.35 9.85
C LYS A 94 5.01 12.15 9.53
N TYR A 95 4.99 11.77 8.25
CA TYR A 95 4.15 10.66 7.81
C TYR A 95 4.77 9.32 8.15
N ARG A 96 6.09 9.23 8.02
CA ARG A 96 6.83 8.05 8.48
C ARG A 96 6.66 7.81 9.98
N GLU A 97 6.68 8.87 10.76
CA GLU A 97 6.49 8.74 12.20
C GLU A 97 5.08 8.30 12.54
N ALA A 98 4.09 8.83 11.83
CA ALA A 98 2.71 8.41 12.07
C ALA A 98 2.56 6.96 11.63
N SER A 99 3.19 6.63 10.52
CA SER A 99 3.21 5.26 10.00
C SER A 99 3.69 4.25 11.05
N VAL A 100 4.80 4.54 11.70
CA VAL A 100 5.33 3.69 12.75
C VAL A 100 4.36 3.52 13.94
N GLU A 101 3.66 4.60 14.31
CA GLU A 101 2.64 4.52 15.36
C GLU A 101 1.63 3.42 15.09
N VAL A 102 1.16 3.37 13.85
CA VAL A 102 0.13 2.42 13.48
C VAL A 102 0.67 0.99 13.44
N MET A 103 1.88 0.81 12.91
CA MET A 103 2.47 -0.51 12.76
C MET A 103 2.71 -1.18 14.10
N GLU A 104 3.05 -0.37 15.11
CA GLU A 104 3.26 -0.86 16.46
C GLU A 104 1.98 -1.41 17.06
N ILE A 105 0.89 -0.69 16.89
CA ILE A 105 -0.43 -1.15 17.32
C ILE A 105 -0.82 -2.46 16.60
N MET A 106 -0.67 -2.48 15.28
CA MET A 106 -0.99 -3.68 14.50
C MET A 106 -0.19 -4.88 14.98
N SER A 107 1.09 -4.65 15.30
CA SER A 107 2.01 -5.66 15.81
C SER A 107 1.55 -6.46 17.01
N ARG A 108 0.73 -5.83 17.86
CA ARG A 108 0.24 -6.48 19.08
C ARG A 108 -0.76 -7.58 18.77
N PHE A 109 -1.45 -7.46 17.64
CA PHE A 109 -2.53 -8.36 17.30
C PHE A 109 -2.03 -9.55 16.48
N ALA A 110 -1.13 -9.29 15.55
CA ALA A 110 -0.70 -10.34 14.64
C ALA A 110 0.60 -10.04 13.93
N VAL A 111 0.99 -10.95 13.04
CA VAL A 111 2.22 -10.80 12.28
C VAL A 111 2.00 -9.87 11.10
N ILE A 112 2.85 -8.86 10.96
CA ILE A 112 2.61 -7.88 9.93
C ILE A 112 3.76 -7.69 8.93
N GLU A 113 3.38 -7.44 7.69
CA GLU A 113 4.30 -7.09 6.61
C GLU A 113 3.98 -5.68 6.17
N ARG A 114 4.90 -4.76 6.41
CA ARG A 114 4.72 -3.39 5.91
C ARG A 114 4.76 -3.39 4.38
N ALA A 115 3.70 -2.90 3.75
CA ALA A 115 3.63 -2.93 2.28
C ALA A 115 4.03 -1.58 1.70
N SER A 116 3.69 -0.51 2.40
CA SER A 116 4.10 0.82 2.02
C SER A 116 3.88 1.68 3.26
N ILE A 117 4.00 3.00 3.12
CA ILE A 117 3.88 3.86 4.28
C ILE A 117 2.47 3.82 4.89
N ASP A 118 1.46 3.61 4.05
CA ASP A 118 0.06 3.59 4.48
C ASP A 118 -0.61 2.22 4.49
N GLU A 119 0.11 1.16 4.14
CA GLU A 119 -0.52 -0.17 4.19
C GLU A 119 0.35 -1.32 4.70
N ALA A 120 -0.31 -2.35 5.19
CA ALA A 120 0.36 -3.52 5.70
C ALA A 120 -0.51 -4.77 5.58
N TYR A 121 0.14 -5.87 5.23
CA TYR A 121 -0.50 -7.17 5.30
C TYR A 121 -0.39 -7.75 6.71
N VAL A 122 -1.34 -8.59 7.08
CA VAL A 122 -1.42 -9.13 8.40
C VAL A 122 -1.72 -10.60 8.25
N ASP A 123 -0.87 -11.46 8.82
CA ASP A 123 -1.16 -12.89 8.83
C ASP A 123 -1.86 -13.27 10.14
N LEU A 124 -3.15 -13.60 10.07
CA LEU A 124 -3.96 -13.83 11.27
C LEU A 124 -4.26 -15.29 11.53
N THR A 125 -3.61 -16.18 10.78
CA THR A 125 -3.85 -17.62 10.88
C THR A 125 -3.72 -18.13 12.33
N SER A 126 -2.57 -17.87 12.95
CA SER A 126 -2.37 -18.27 14.33
C SER A 126 -3.33 -17.57 15.28
N ALA A 127 -3.46 -16.26 15.11
CA ALA A 127 -4.36 -15.49 15.97
C ALA A 127 -5.78 -16.06 15.97
N VAL A 128 -6.31 -16.36 14.78
CA VAL A 128 -7.61 -17.02 14.62
C VAL A 128 -7.73 -18.34 15.40
N GLN A 129 -6.70 -19.19 15.28
CA GLN A 129 -6.67 -20.50 15.97
C GLN A 129 -6.81 -20.39 17.49
N GLU A 130 -6.16 -19.38 18.06
CA GLU A 130 -6.21 -19.12 19.49
C GLU A 130 -7.59 -18.65 19.94
N ARG A 131 -8.17 -17.74 19.18
CA ARG A 131 -9.47 -17.19 19.52
C ARG A 131 -10.50 -18.32 19.52
N LEU A 132 -10.38 -19.21 18.53
CA LEU A 132 -11.33 -20.32 18.35
C LEU A 132 -11.42 -21.22 19.57
N GLN A 133 -10.26 -21.50 20.18
CA GLN A 133 -10.18 -22.30 21.40
C GLN A 133 -10.81 -21.63 22.61
N LYS A 134 -10.52 -20.34 22.80
CA LYS A 134 -11.13 -19.56 23.88
C LYS A 134 -12.64 -19.38 23.68
N LEU A 135 -13.06 -19.34 22.43
CA LEU A 135 -14.44 -19.00 22.07
C LEU A 135 -15.18 -20.24 21.57
N GLN A 136 -14.71 -21.43 21.95
CA GLN A 136 -15.35 -22.66 21.52
C GLN A 136 -16.82 -22.67 21.90
N GLY A 137 -17.67 -23.02 20.93
CA GLY A 137 -19.10 -23.13 21.15
C GLY A 137 -19.85 -21.82 21.29
N GLN A 138 -19.15 -20.70 21.13
CA GLN A 138 -19.78 -19.39 21.29
C GLN A 138 -20.26 -18.78 19.97
N PRO A 139 -21.57 -18.49 19.88
CA PRO A 139 -22.09 -17.85 18.66
C PRO A 139 -21.36 -16.54 18.40
N ILE A 140 -21.31 -16.12 17.15
CA ILE A 140 -20.65 -14.88 16.80
C ILE A 140 -21.71 -13.85 16.49
N SER A 141 -21.83 -12.88 17.39
CA SER A 141 -22.83 -11.82 17.26
C SER A 141 -22.48 -10.91 16.11
N ALA A 142 -23.50 -10.39 15.44
CA ALA A 142 -23.28 -9.34 14.46
C ALA A 142 -22.61 -8.12 15.10
N ASP A 143 -22.76 -7.97 16.42
CA ASP A 143 -22.26 -6.82 17.16
C ASP A 143 -20.75 -6.82 17.15
N LEU A 144 -20.18 -7.99 16.94
CA LEU A 144 -18.73 -8.11 16.81
C LEU A 144 -18.20 -7.60 15.47
N LEU A 145 -19.10 -7.36 14.51
CA LEU A 145 -18.65 -6.97 13.17
C LEU A 145 -19.35 -5.73 12.64
N PRO A 146 -19.22 -4.60 13.36
CA PRO A 146 -20.03 -3.39 13.09
C PRO A 146 -19.68 -2.62 11.82
N SER A 147 -18.56 -2.94 11.17
CA SER A 147 -18.17 -2.25 9.93
C SER A 147 -17.79 -3.25 8.83
N THR A 148 -18.24 -4.51 8.99
CA THR A 148 -17.88 -5.59 8.06
C THR A 148 -18.93 -5.83 6.96
N TYR A 149 -18.48 -5.80 5.70
CA TYR A 149 -19.29 -6.19 4.54
C TYR A 149 -18.86 -7.59 4.11
N ILE A 150 -19.84 -8.43 3.75
CA ILE A 150 -19.54 -9.77 3.27
C ILE A 150 -19.76 -9.79 1.76
N GLU A 151 -18.67 -9.84 0.98
CA GLU A 151 -18.78 -9.71 -0.47
C GLU A 151 -19.71 -10.82 -1.06
N GLY A 152 -20.59 -10.42 -1.98
CA GLY A 152 -21.56 -11.33 -2.56
C GLY A 152 -22.88 -11.48 -1.79
N LEU A 153 -23.00 -10.80 -0.66
CA LEU A 153 -24.20 -10.87 0.14
C LEU A 153 -24.72 -9.46 0.41
N PRO A 154 -26.05 -9.30 0.56
CA PRO A 154 -27.12 -10.33 0.57
C PRO A 154 -27.44 -10.88 -0.81
N GLN A 155 -27.95 -12.12 -0.87
CA GLN A 155 -28.50 -12.68 -2.12
C GLN A 155 -29.96 -13.04 -1.90
N GLY A 156 -30.73 -13.13 -2.98
CA GLY A 156 -32.12 -13.54 -2.89
C GLY A 156 -33.10 -12.48 -3.34
N GLU A 161 -36.69 -2.23 1.29
CA GLU A 161 -36.89 -0.99 2.03
C GLU A 161 -35.70 -0.72 2.94
N GLU A 162 -35.24 -1.75 3.63
CA GLU A 162 -34.02 -1.65 4.44
C GLU A 162 -32.84 -1.66 3.48
N THR A 163 -32.92 -2.54 2.48
CA THR A 163 -31.90 -2.67 1.43
C THR A 163 -31.61 -1.40 0.60
N VAL A 164 -32.52 -0.44 0.53
CA VAL A 164 -32.23 0.76 -0.25
C VAL A 164 -31.07 1.58 0.33
N GLN A 165 -30.86 1.47 1.64
CA GLN A 165 -29.76 2.18 2.28
C GLN A 165 -28.57 1.24 2.39
N LYS A 166 -27.36 1.78 2.27
CA LYS A 166 -26.19 0.93 2.17
C LYS A 166 -25.98 0.15 3.47
N GLU A 167 -26.28 0.78 4.60
CA GLU A 167 -26.11 0.13 5.88
C GLU A 167 -27.13 -0.99 6.01
N GLY A 168 -28.27 -0.82 5.35
CA GLY A 168 -29.29 -1.85 5.33
C GLY A 168 -28.77 -3.08 4.62
N MET A 169 -28.17 -2.87 3.45
CA MET A 169 -27.54 -3.92 2.69
C MET A 169 -26.44 -4.63 3.51
N ARG A 170 -25.62 -3.86 4.22
CA ARG A 170 -24.51 -4.44 4.99
C ARG A 170 -25.05 -5.41 6.04
N LYS A 171 -26.05 -4.94 6.80
CA LYS A 171 -26.66 -5.75 7.86
C LYS A 171 -27.21 -7.07 7.35
N GLN A 172 -28.05 -7.00 6.32
CA GLN A 172 -28.68 -8.21 5.78
C GLN A 172 -27.65 -9.23 5.30
N GLY A 173 -26.60 -8.75 4.63
CA GLY A 173 -25.54 -9.64 4.17
C GLY A 173 -24.80 -10.30 5.33
N LEU A 174 -24.45 -9.50 6.33
CA LEU A 174 -23.82 -10.03 7.54
C LEU A 174 -24.73 -11.04 8.27
N PHE A 175 -26.03 -10.75 8.33
CA PHE A 175 -26.99 -11.66 8.97
C PHE A 175 -27.10 -12.99 8.23
N GLN A 176 -27.16 -12.95 6.89
CA GLN A 176 -27.28 -14.20 6.14
C GLN A 176 -26.03 -15.03 6.37
N TRP A 177 -24.88 -14.37 6.25
CA TRP A 177 -23.59 -14.99 6.49
C TRP A 177 -23.49 -15.64 7.87
N LEU A 178 -23.81 -14.86 8.91
CA LEU A 178 -23.73 -15.36 10.29
C LEU A 178 -24.72 -16.51 10.54
N ASP A 179 -25.97 -16.34 10.09
CA ASP A 179 -26.98 -17.38 10.25
C ASP A 179 -26.53 -18.70 9.61
N SER A 180 -25.73 -18.58 8.55
CA SER A 180 -25.28 -19.73 7.77
C SER A 180 -24.10 -20.45 8.40
N LEU A 181 -23.33 -19.70 9.17
N LEU A 181 -23.21 -19.71 9.04
CA LEU A 181 -22.26 -20.26 10.00
CA LEU A 181 -21.96 -20.27 9.59
C LEU A 181 -22.88 -20.98 11.20
C LEU A 181 -22.10 -21.54 10.45
N GLN A 182 -23.71 -20.23 11.93
N GLN A 182 -21.31 -22.56 10.12
CA GLN A 182 -24.48 -20.78 13.05
CA GLN A 182 -21.26 -23.78 10.92
C GLN A 182 -25.15 -22.11 12.70
C GLN A 182 -20.25 -23.60 12.05
N ILE A 183 -25.87 -22.14 11.58
N ILE A 183 -20.72 -22.97 13.12
CA ILE A 183 -26.63 -23.32 11.15
CA ILE A 183 -19.91 -22.62 14.28
C ILE A 183 -25.71 -24.55 10.97
C ILE A 183 -19.22 -23.83 14.93
N ASP A 184 -24.46 -24.28 10.57
N ASP A 184 -19.95 -24.94 15.02
CA ASP A 184 -23.45 -25.23 10.04
CA ASP A 184 -19.45 -26.19 15.63
C ASP A 184 -23.41 -25.30 8.49
C ASP A 184 -18.08 -26.55 15.06
N ASN A 185 -23.98 -24.32 7.78
N ASN A 185 -18.00 -26.75 13.75
CA ASN A 185 -23.94 -24.36 6.32
CA ASN A 185 -16.72 -27.08 13.12
C ASN A 185 -22.62 -23.89 5.74
C ASN A 185 -15.69 -25.96 13.14
N LEU A 186 -21.91 -23.09 6.50
N LEU A 186 -14.68 -26.11 13.98
CA LEU A 186 -20.66 -22.55 6.03
CA LEU A 186 -13.60 -25.14 14.11
C LEU A 186 -19.49 -23.42 6.45
C LEU A 186 -12.76 -25.06 12.84
N THR A 187 -18.50 -23.48 5.57
N THR A 187 -12.70 -26.14 12.09
CA THR A 187 -17.31 -24.28 5.77
CA THR A 187 -11.82 -26.24 10.92
C THR A 187 -16.41 -23.74 6.88
C THR A 187 -12.24 -25.46 9.67
N SER A 188 -15.46 -24.58 7.29
N SER A 188 -13.54 -25.21 9.51
CA SER A 188 -14.47 -24.23 8.31
CA SER A 188 -14.07 -24.54 8.30
C SER A 188 -13.57 -23.03 7.93
C SER A 188 -13.45 -23.18 7.96
N PRO A 189 -13.02 -23.00 6.70
CA PRO A 189 -12.36 -21.75 6.32
C PRO A 189 -13.21 -20.48 6.41
N ASP A 190 -14.52 -20.58 6.15
CA ASP A 190 -15.43 -19.45 6.31
C ASP A 190 -15.48 -18.94 7.75
N LEU A 191 -15.53 -19.86 8.71
CA LEU A 191 -15.48 -19.50 10.12
C LEU A 191 -14.13 -18.85 10.47
N GLN A 192 -13.04 -19.39 9.94
CA GLN A 192 -11.73 -18.80 10.15
C GLN A 192 -11.70 -17.32 9.70
N LEU A 193 -12.22 -17.04 8.49
CA LEU A 193 -12.28 -15.68 7.96
C LEU A 193 -13.11 -14.75 8.84
N THR A 194 -14.22 -15.29 9.33
CA THR A 194 -15.12 -14.54 10.21
C THR A 194 -14.42 -14.13 11.51
N VAL A 195 -13.66 -15.05 12.08
CA VAL A 195 -12.92 -14.76 13.30
C VAL A 195 -11.79 -13.80 12.96
N GLY A 196 -11.20 -13.97 11.78
CA GLY A 196 -10.20 -13.03 11.32
C GLY A 196 -10.75 -11.63 11.28
N ALA A 197 -11.97 -11.49 10.75
CA ALA A 197 -12.66 -10.23 10.64
C ALA A 197 -12.97 -9.62 12.01
N VAL A 198 -13.40 -10.45 12.96
CA VAL A 198 -13.61 -9.98 14.32
C VAL A 198 -12.29 -9.44 14.87
N ILE A 199 -11.20 -10.18 14.65
CA ILE A 199 -9.90 -9.68 15.09
C ILE A 199 -9.51 -8.34 14.42
N VAL A 200 -9.78 -8.20 13.12
CA VAL A 200 -9.47 -6.97 12.40
C VAL A 200 -10.30 -5.76 12.85
N GLU A 201 -11.59 -5.98 13.16
CA GLU A 201 -12.42 -4.94 13.74
C GLU A 201 -11.75 -4.37 15.00
N GLU A 202 -11.22 -5.29 15.82
CA GLU A 202 -10.55 -4.94 17.06
C GLU A 202 -9.23 -4.21 16.83
N MET A 203 -8.47 -4.69 15.85
CA MET A 203 -7.24 -4.02 15.45
C MET A 203 -7.58 -2.62 14.93
N ARG A 204 -8.62 -2.52 14.14
CA ARG A 204 -8.97 -1.21 13.59
C ARG A 204 -9.51 -0.28 14.70
N ALA A 205 -10.14 -0.86 15.72
CA ALA A 205 -10.68 -0.04 16.79
C ALA A 205 -9.53 0.47 17.67
N ALA A 206 -8.51 -0.36 17.85
CA ALA A 206 -7.33 0.01 18.63
C ALA A 206 -6.53 1.13 17.93
N ILE A 207 -6.40 1.02 16.60
CA ILE A 207 -5.72 2.03 15.78
C ILE A 207 -6.40 3.40 15.87
N GLU A 208 -7.70 3.44 15.65
CA GLU A 208 -8.44 4.69 15.79
C GLU A 208 -8.42 5.24 17.22
N ARG A 209 -8.60 4.38 18.22
CA ARG A 209 -8.60 4.86 19.61
C ARG A 209 -7.26 5.47 19.98
N GLU A 210 -6.19 4.81 19.56
CA GLU A 210 -4.86 5.21 19.98
C GLU A 210 -4.17 6.23 19.07
N THR A 211 -4.64 6.40 17.84
CA THR A 211 -3.97 7.34 16.94
C THR A 211 -4.93 8.39 16.40
N GLY A 212 -6.23 8.08 16.43
CA GLY A 212 -7.20 8.92 15.77
C GLY A 212 -7.37 8.60 14.29
N PHE A 213 -6.63 7.59 13.79
CA PHE A 213 -6.65 7.29 12.35
C PHE A 213 -7.69 6.25 12.00
N GLN A 214 -8.42 6.50 10.91
CA GLN A 214 -9.35 5.53 10.35
C GLN A 214 -8.71 4.80 9.19
N CYS A 215 -9.16 3.59 8.93
CA CYS A 215 -8.55 2.78 7.92
C CYS A 215 -9.52 1.72 7.43
N SER A 216 -9.28 1.27 6.20
CA SER A 216 -10.06 0.19 5.60
C SER A 216 -9.26 -1.12 5.63
N ALA A 217 -9.96 -2.24 5.53
CA ALA A 217 -9.26 -3.52 5.50
C ALA A 217 -9.94 -4.56 4.63
N GLY A 218 -9.14 -5.44 4.04
CA GLY A 218 -9.67 -6.60 3.37
C GLY A 218 -9.28 -7.84 4.14
N ILE A 219 -10.19 -8.80 4.25
CA ILE A 219 -9.88 -10.06 4.90
C ILE A 219 -10.15 -11.21 3.95
N SER A 220 -9.17 -12.08 3.77
CA SER A 220 -9.37 -13.22 2.89
C SER A 220 -8.31 -14.27 3.16
N HIS A 221 -8.10 -15.16 2.19
CA HIS A 221 -7.15 -16.25 2.36
C HIS A 221 -5.75 -15.98 1.81
N ASN A 222 -5.58 -14.88 1.09
CA ASN A 222 -4.26 -14.56 0.55
C ASN A 222 -4.13 -13.06 0.30
N LYS A 223 -2.96 -12.63 -0.17
CA LYS A 223 -2.67 -11.20 -0.26
C LYS A 223 -3.40 -10.49 -1.38
N VAL A 224 -3.50 -11.15 -2.53
CA VAL A 224 -4.17 -10.55 -3.65
C VAL A 224 -5.66 -10.34 -3.36
N LEU A 225 -6.30 -11.38 -2.82
CA LEU A 225 -7.71 -11.29 -2.47
C LEU A 225 -7.98 -10.27 -1.36
N ALA A 226 -7.09 -10.23 -0.36
CA ALA A 226 -7.25 -9.31 0.77
C ALA A 226 -7.08 -7.87 0.30
N LYS A 227 -6.10 -7.64 -0.57
CA LYS A 227 -5.92 -6.32 -1.16
C LYS A 227 -7.13 -5.92 -2.01
N LEU A 228 -7.62 -6.88 -2.80
CA LEU A 228 -8.82 -6.65 -3.60
C LEU A 228 -10.01 -6.29 -2.71
N ALA A 229 -10.25 -7.12 -1.69
CA ALA A 229 -11.33 -6.90 -0.72
C ALA A 229 -11.26 -5.52 -0.05
N CYS A 230 -10.05 -5.08 0.24
CA CYS A 230 -9.86 -3.81 0.94
C CYS A 230 -10.50 -2.65 0.19
N GLY A 231 -10.39 -2.67 -1.13
CA GLY A 231 -10.87 -1.58 -1.96
C GLY A 231 -12.37 -1.59 -2.19
N LEU A 232 -13.04 -2.67 -1.83
CA LEU A 232 -14.47 -2.81 -2.13
C LEU A 232 -15.42 -1.90 -1.35
N ASN A 233 -15.04 -1.55 -0.13
CA ASN A 233 -15.90 -0.71 0.70
C ASN A 233 -15.03 0.26 1.48
N LYS A 234 -15.10 1.52 1.09
CA LYS A 234 -14.20 2.56 1.57
C LYS A 234 -14.94 3.87 1.68
N PRO A 235 -14.55 4.72 2.66
CA PRO A 235 -13.51 4.54 3.67
C PRO A 235 -14.04 3.92 4.96
N ASN A 236 -13.12 3.68 5.90
CA ASN A 236 -13.46 3.23 7.25
C ASN A 236 -14.32 1.97 7.34
N ARG A 237 -14.16 1.03 6.41
CA ARG A 237 -14.94 -0.20 6.43
C ARG A 237 -14.02 -1.38 6.07
N GLN A 238 -14.42 -2.59 6.45
CA GLN A 238 -13.65 -3.80 6.10
C GLN A 238 -14.51 -4.83 5.37
N THR A 239 -13.88 -5.57 4.47
CA THR A 239 -14.64 -6.47 3.59
C THR A 239 -14.07 -7.87 3.63
N LEU A 240 -14.94 -8.85 3.88
CA LEU A 240 -14.58 -10.26 3.89
C LEU A 240 -14.85 -10.84 2.50
N VAL A 241 -13.81 -11.36 1.86
CA VAL A 241 -13.97 -12.06 0.59
C VAL A 241 -13.64 -13.53 0.78
N SER A 242 -14.66 -14.35 0.70
CA SER A 242 -14.49 -15.78 0.96
C SER A 242 -14.09 -16.48 -0.32
N HIS A 243 -13.65 -17.73 -0.20
CA HIS A 243 -13.35 -18.50 -1.38
C HIS A 243 -14.60 -18.60 -2.30
N GLY A 244 -15.78 -18.79 -1.69
CA GLY A 244 -17.02 -18.97 -2.44
C GLY A 244 -17.44 -17.79 -3.29
N SER A 245 -17.05 -16.59 -2.85
CA SER A 245 -17.39 -15.36 -3.54
C SER A 245 -16.53 -15.09 -4.78
N VAL A 246 -15.41 -15.79 -4.89
CA VAL A 246 -14.45 -15.53 -5.97
C VAL A 246 -15.00 -15.70 -7.40
N PRO A 247 -15.71 -16.80 -7.69
CA PRO A 247 -16.31 -16.91 -9.04
C PRO A 247 -17.18 -15.73 -9.47
N GLN A 248 -18.15 -15.30 -8.66
CA GLN A 248 -18.96 -14.15 -9.04
C GLN A 248 -18.14 -12.86 -9.08
N LEU A 249 -17.27 -12.71 -8.09
CA LEU A 249 -16.45 -11.50 -8.00
C LEU A 249 -15.53 -11.34 -9.20
N PHE A 250 -14.92 -12.43 -9.63
CA PHE A 250 -13.96 -12.38 -10.72
C PHE A 250 -14.65 -12.29 -12.07
N SER A 251 -15.91 -12.72 -12.14
CA SER A 251 -16.60 -12.85 -13.42
C SER A 251 -16.69 -11.52 -14.16
N GLN A 252 -16.81 -10.41 -13.43
CA GLN A 252 -16.89 -9.09 -14.05
C GLN A 252 -15.73 -8.23 -13.64
N MET A 253 -14.68 -8.85 -13.10
CA MET A 253 -13.59 -8.09 -12.52
C MET A 253 -12.50 -7.87 -13.58
N PRO A 254 -12.29 -6.60 -13.96
CA PRO A 254 -11.23 -6.27 -14.92
C PRO A 254 -9.86 -6.75 -14.42
N ILE A 255 -9.10 -7.32 -15.35
CA ILE A 255 -7.81 -7.90 -15.05
C ILE A 255 -6.83 -6.94 -14.39
N ARG A 256 -6.83 -5.69 -14.84
CA ARG A 256 -5.87 -4.70 -14.38
C ARG A 256 -6.03 -4.41 -12.89
N LYS A 257 -7.17 -4.79 -12.31
CA LYS A 257 -7.46 -4.58 -10.88
C LYS A 257 -6.74 -5.52 -9.94
N ILE A 258 -6.32 -6.67 -10.45
CA ILE A 258 -5.68 -7.68 -9.61
C ILE A 258 -4.24 -7.21 -9.36
N ARG A 259 -3.76 -7.37 -8.12
CA ARG A 259 -2.39 -6.99 -7.80
C ARG A 259 -1.33 -7.68 -8.69
N SER A 260 -0.50 -6.82 -9.28
CA SER A 260 0.62 -7.16 -10.16
C SER A 260 0.23 -7.23 -11.64
N LEU A 261 -1.06 -7.06 -11.94
CA LEU A 261 -1.55 -7.11 -13.31
C LEU A 261 -1.98 -5.73 -13.79
N GLY A 262 -1.63 -4.71 -13.01
CA GLY A 262 -1.97 -3.35 -13.35
C GLY A 262 -1.06 -2.71 -14.40
N GLY A 263 -0.01 -3.41 -14.83
CA GLY A 263 0.88 -2.83 -15.81
C GLY A 263 1.03 -3.61 -17.11
N LYS A 264 2.27 -3.80 -17.54
CA LYS A 264 2.55 -4.45 -18.82
C LYS A 264 2.07 -5.91 -18.92
N LEU A 265 2.27 -6.69 -17.86
CA LEU A 265 1.79 -8.08 -17.87
C LEU A 265 0.25 -8.14 -18.06
N GLY A 266 -0.48 -7.40 -17.25
CA GLY A 266 -1.94 -7.40 -17.33
C GLY A 266 -2.39 -7.04 -18.73
N ALA A 267 -1.71 -6.05 -19.29
CA ALA A 267 -2.02 -5.56 -20.63
C ALA A 267 -1.80 -6.66 -21.66
N SER A 268 -0.71 -7.41 -21.50
CA SER A 268 -0.38 -8.46 -22.46
C SER A 268 -1.24 -9.70 -22.25
N VAL A 269 -1.66 -9.92 -21.00
CA VAL A 269 -2.63 -10.97 -20.73
C VAL A 269 -3.92 -10.62 -21.46
N ILE A 270 -4.34 -9.36 -21.36
CA ILE A 270 -5.53 -8.89 -22.07
C ILE A 270 -5.34 -8.97 -23.58
N GLU A 271 -4.18 -8.54 -24.05
CA GLU A 271 -3.90 -8.45 -25.47
C GLU A 271 -3.68 -9.82 -26.13
N ILE A 272 -2.92 -10.69 -25.48
CA ILE A 272 -2.65 -12.00 -26.07
C ILE A 272 -3.86 -12.94 -25.93
N LEU A 273 -4.50 -12.93 -24.79
CA LEU A 273 -5.61 -13.84 -24.55
C LEU A 273 -6.94 -13.43 -25.20
N GLY A 274 -7.14 -12.13 -25.42
CA GLY A 274 -8.41 -11.66 -25.99
C GLY A 274 -9.55 -11.63 -24.99
N ILE A 275 -9.20 -11.38 -23.72
CA ILE A 275 -10.19 -11.34 -22.64
C ILE A 275 -10.11 -10.02 -21.89
N GLU A 276 -11.09 -9.73 -21.05
CA GLU A 276 -11.01 -8.55 -20.19
C GLU A 276 -11.17 -8.82 -18.70
N TYR A 277 -11.78 -9.95 -18.34
CA TYR A 277 -12.08 -10.19 -16.94
C TYR A 277 -11.28 -11.31 -16.34
N MET A 278 -11.03 -11.19 -15.04
CA MET A 278 -10.19 -12.16 -14.34
C MET A 278 -10.71 -13.61 -14.47
N GLY A 279 -12.02 -13.79 -14.39
CA GLY A 279 -12.59 -15.12 -14.42
C GLY A 279 -12.37 -15.85 -15.75
N GLU A 280 -12.30 -15.09 -16.84
CA GLU A 280 -12.05 -15.67 -18.17
C GLU A 280 -10.73 -16.46 -18.22
N LEU A 281 -9.85 -16.21 -17.27
CA LEU A 281 -8.58 -16.92 -17.25
C LEU A 281 -8.77 -18.40 -16.97
N THR A 282 -9.90 -18.75 -16.36
CA THR A 282 -10.16 -20.15 -15.99
C THR A 282 -10.23 -21.15 -17.15
N GLN A 283 -10.51 -20.66 -18.35
CA GLN A 283 -10.65 -21.57 -19.50
C GLN A 283 -9.33 -22.08 -20.07
N PHE A 284 -8.23 -21.47 -19.68
CA PHE A 284 -6.92 -21.86 -20.21
C PHE A 284 -6.20 -22.85 -19.32
N THR A 285 -5.58 -23.86 -19.95
CA THR A 285 -4.78 -24.80 -19.18
C THR A 285 -3.56 -24.04 -18.67
N GLU A 286 -2.96 -24.55 -17.59
CA GLU A 286 -1.74 -23.97 -17.04
C GLU A 286 -0.61 -23.87 -18.09
N SER A 287 -0.34 -24.98 -18.78
CA SER A 287 0.66 -24.99 -19.86
C SER A 287 0.41 -23.90 -20.91
N GLN A 288 -0.84 -23.72 -21.34
CA GLN A 288 -1.19 -22.62 -22.23
C GLN A 288 -0.75 -21.25 -21.67
N LEU A 289 -0.97 -21.05 -20.37
CA LEU A 289 -0.61 -19.78 -19.76
C LEU A 289 0.91 -19.70 -19.57
N GLN A 290 1.53 -20.79 -19.18
CA GLN A 290 2.98 -20.81 -19.08
C GLN A 290 3.67 -20.54 -20.42
N SER A 291 3.13 -21.05 -21.52
CA SER A 291 3.78 -20.85 -22.81
C SER A 291 3.71 -19.38 -23.22
N HIS A 292 2.60 -18.74 -22.90
CA HIS A 292 2.43 -17.32 -23.23
C HIS A 292 3.23 -16.37 -22.34
N PHE A 293 3.29 -16.66 -21.04
CA PHE A 293 3.74 -15.66 -20.07
C PHE A 293 4.90 -16.16 -19.20
N GLY A 294 5.33 -17.40 -19.43
CA GLY A 294 6.44 -17.96 -18.68
C GLY A 294 5.98 -18.88 -17.58
N GLU A 295 6.90 -19.72 -17.12
CA GLU A 295 6.67 -20.74 -16.11
C GLU A 295 5.99 -20.18 -14.86
N LYS A 296 6.62 -19.16 -14.27
CA LYS A 296 6.18 -18.58 -12.99
C LYS A 296 4.86 -17.80 -13.10
N ASN A 297 4.78 -16.92 -14.10
CA ASN A 297 3.57 -16.14 -14.33
C ASN A 297 2.40 -17.03 -14.71
N GLY A 298 2.64 -18.00 -15.60
CA GLY A 298 1.58 -18.92 -16.02
C GLY A 298 0.98 -19.66 -14.85
N SER A 299 1.84 -20.27 -14.03
CA SER A 299 1.44 -20.96 -12.81
C SER A 299 0.65 -20.02 -11.90
N TRP A 300 1.13 -18.79 -11.80
CA TRP A 300 0.57 -17.84 -10.85
C TRP A 300 -0.79 -17.36 -11.35
N LEU A 301 -0.91 -17.22 -12.67
CA LEU A 301 -2.19 -16.85 -13.28
C LEU A 301 -3.21 -17.95 -13.13
N TYR A 302 -2.79 -19.19 -13.44
CA TYR A 302 -3.66 -20.37 -13.34
C TYR A 302 -4.31 -20.50 -11.95
N ALA A 303 -3.49 -20.34 -10.93
CA ALA A 303 -3.95 -20.41 -9.54
C ALA A 303 -4.75 -19.16 -9.11
N MET A 304 -4.35 -17.98 -9.59
CA MET A 304 -4.97 -16.73 -9.13
C MET A 304 -6.41 -16.54 -9.61
N CYS A 305 -6.69 -16.92 -10.86
CA CYS A 305 -8.05 -16.80 -11.41
C CYS A 305 -9.05 -17.73 -10.70
N ARG A 306 -8.50 -18.66 -9.93
CA ARG A 306 -9.25 -19.58 -9.10
C ARG A 306 -9.22 -19.12 -7.63
N GLY A 307 -8.72 -17.90 -7.38
CA GLY A 307 -8.65 -17.34 -6.04
C GLY A 307 -7.56 -17.92 -5.16
N ILE A 308 -6.55 -18.50 -5.78
CA ILE A 308 -5.48 -19.18 -5.06
C ILE A 308 -4.16 -18.50 -5.28
N GLU A 309 -3.49 -18.19 -4.18
CA GLU A 309 -2.24 -17.44 -4.26
C GLU A 309 -1.40 -17.78 -3.03
N HIS A 310 -0.09 -17.96 -3.20
CA HIS A 310 0.73 -18.48 -2.09
C HIS A 310 1.77 -17.53 -1.50
N ASP A 311 1.94 -16.34 -2.06
CA ASP A 311 2.88 -15.39 -1.48
C ASP A 311 2.61 -15.19 0.03
N PRO A 312 3.64 -15.39 0.86
CA PRO A 312 3.45 -15.33 2.32
C PRO A 312 3.46 -13.89 2.85
N VAL A 313 2.84 -13.69 4.00
CA VAL A 313 2.97 -12.42 4.70
C VAL A 313 4.35 -12.42 5.38
N LYS A 314 5.24 -11.55 4.93
CA LYS A 314 6.60 -11.54 5.43
C LYS A 314 6.69 -10.79 6.74
N PRO A 315 7.23 -11.45 7.76
CA PRO A 315 7.34 -10.81 9.07
C PRO A 315 8.42 -9.71 8.95
N ARG A 316 7.97 -8.52 8.59
CA ARG A 316 8.90 -7.42 8.33
C ARG A 316 8.21 -6.08 8.47
N GLN A 317 8.48 -5.42 9.58
CA GLN A 317 7.88 -4.13 9.83
C GLN A 317 8.78 -3.02 9.35
N LEU A 318 10.01 -3.37 9.00
CA LEU A 318 11.03 -2.38 8.69
C LEU A 318 11.47 -2.41 7.24
N PRO A 319 11.54 -1.24 6.60
CA PRO A 319 11.96 -1.17 5.20
C PRO A 319 13.36 -1.74 4.98
N LYS A 320 13.54 -2.46 3.87
CA LYS A 320 14.82 -3.10 3.54
C LYS A 320 15.87 -2.10 3.06
N THR A 321 15.42 -0.93 2.60
CA THR A 321 16.31 0.09 2.06
C THR A 321 15.82 1.47 2.50
N ILE A 322 16.72 2.43 2.58
CA ILE A 322 16.34 3.79 2.95
C ILE A 322 16.89 4.76 1.91
N GLY A 323 16.02 5.65 1.44
CA GLY A 323 16.41 6.45 0.30
C GLY A 323 15.71 7.78 0.14
N CYS A 324 16.27 8.60 -0.73
CA CYS A 324 15.66 9.86 -1.05
C CYS A 324 16.11 10.34 -2.42
N SER A 325 15.25 11.14 -3.03
CA SER A 325 15.43 11.52 -4.41
C SER A 325 14.79 12.86 -4.66
N LYS A 326 15.30 13.54 -5.68
CA LYS A 326 14.66 14.75 -6.14
C LYS A 326 14.64 14.79 -7.66
N ASN A 327 13.54 15.26 -8.23
CA ASN A 327 13.45 15.40 -9.66
C ASN A 327 13.76 16.84 -10.08
N PHE A 328 14.41 16.98 -11.23
CA PHE A 328 14.73 18.29 -11.77
C PHE A 328 14.20 18.41 -13.19
N PRO A 329 12.87 18.45 -13.32
CA PRO A 329 12.23 18.37 -14.64
C PRO A 329 12.49 19.60 -15.51
N GLY A 330 12.58 19.36 -16.81
CA GLY A 330 12.66 20.43 -17.79
C GLY A 330 13.87 21.33 -17.66
N LYS A 331 13.60 22.63 -17.49
CA LYS A 331 14.63 23.67 -17.43
C LYS A 331 15.46 23.63 -16.15
N THR A 332 14.89 23.05 -15.10
CA THR A 332 15.55 22.98 -13.80
C THR A 332 16.62 21.91 -13.75
N ALA A 333 16.82 21.20 -14.86
CA ALA A 333 17.77 20.08 -14.92
C ALA A 333 19.20 20.52 -14.58
N LEU A 334 19.88 19.75 -13.75
CA LEU A 334 21.19 20.16 -13.24
C LEU A 334 22.26 20.12 -14.33
N ALA A 335 22.89 21.26 -14.60
CA ALA A 335 23.83 21.36 -15.71
C ALA A 335 25.24 21.79 -15.31
N THR A 336 25.49 21.96 -14.02
CA THR A 336 26.82 22.32 -13.57
C THR A 336 27.36 21.32 -12.54
N ARG A 337 28.68 21.24 -12.44
CA ARG A 337 29.32 20.36 -11.47
C ARG A 337 28.85 20.73 -10.07
N GLU A 338 29.02 22.00 -9.71
CA GLU A 338 28.64 22.51 -8.40
C GLU A 338 27.21 22.19 -8.00
N GLN A 339 26.29 22.28 -8.97
CA GLN A 339 24.89 21.99 -8.73
C GLN A 339 24.70 20.53 -8.35
N VAL A 340 25.37 19.66 -9.09
CA VAL A 340 25.30 18.23 -8.84
C VAL A 340 25.84 17.89 -7.46
N GLN A 341 26.98 18.47 -7.08
CA GLN A 341 27.58 18.18 -5.78
C GLN A 341 26.69 18.70 -4.65
N TRP A 342 26.21 19.93 -4.82
CA TRP A 342 25.35 20.57 -3.82
C TRP A 342 24.06 19.77 -3.56
N TRP A 343 23.42 19.29 -4.63
CA TRP A 343 22.24 18.44 -4.45
C TRP A 343 22.54 17.04 -3.87
N LEU A 344 23.66 16.46 -4.28
CA LEU A 344 24.08 15.18 -3.69
C LEU A 344 24.23 15.37 -2.21
N LEU A 345 24.92 16.46 -1.84
CA LEU A 345 25.04 16.84 -0.45
C LEU A 345 23.69 16.97 0.25
N GLN A 346 22.71 17.65 -0.38
CA GLN A 346 21.41 17.85 0.26
C GLN A 346 20.75 16.51 0.54
N LEU A 347 20.78 15.64 -0.46
CA LEU A 347 20.26 14.29 -0.33
C LEU A 347 21.01 13.48 0.72
N ALA A 348 22.34 13.56 0.71
CA ALA A 348 23.16 12.77 1.63
C ALA A 348 22.94 13.24 3.07
N GLN A 349 22.65 14.53 3.21
CA GLN A 349 22.33 15.09 4.53
C GLN A 349 21.04 14.52 5.14
N GLU A 350 19.96 14.46 4.35
CA GLU A 350 18.72 13.85 4.82
C GLU A 350 18.93 12.36 5.09
N LEU A 351 19.73 11.73 4.25
CA LEU A 351 19.97 10.30 4.37
C LEU A 351 20.65 10.01 5.70
N GLU A 352 21.67 10.82 6.03
CA GLU A 352 22.39 10.67 7.30
C GLU A 352 21.43 10.69 8.50
N GLU A 353 20.60 11.74 8.57
CA GLU A 353 19.64 11.85 9.66
C GLU A 353 18.78 10.58 9.78
N ARG A 354 18.22 10.15 8.66
CA ARG A 354 17.39 8.94 8.63
C ARG A 354 18.16 7.68 9.02
N LEU A 355 19.38 7.54 8.52
CA LEU A 355 20.24 6.41 8.86
C LEU A 355 20.55 6.35 10.34
N THR A 356 20.87 7.51 10.92
CA THR A 356 21.23 7.56 12.33
C THR A 356 20.04 7.23 13.19
N LYS A 357 18.86 7.71 12.79
CA LYS A 357 17.66 7.38 13.54
C LYS A 357 17.39 5.87 13.45
N ASP A 358 17.60 5.33 12.26
CA ASP A 358 17.41 3.91 12.02
C ASP A 358 18.34 3.11 12.91
N ARG A 359 19.61 3.49 12.90
CA ARG A 359 20.63 2.88 13.77
C ARG A 359 20.28 2.82 15.27
N ASN A 360 19.88 3.94 15.87
CA ASN A 360 19.47 3.99 17.29
C ASN A 360 18.15 3.27 17.58
N ASP A 361 17.18 3.38 16.67
CA ASP A 361 15.88 2.75 16.86
C ASP A 361 15.89 1.24 16.56
N ASN A 362 16.54 0.85 15.47
CA ASN A 362 16.31 -0.48 14.90
C ASN A 362 17.50 -1.44 14.95
N ASP A 363 18.61 -0.98 15.51
CA ASP A 363 19.71 -1.86 15.85
C ASP A 363 20.35 -2.54 14.63
N ARG A 364 20.54 -1.74 13.58
CA ARG A 364 21.16 -2.23 12.36
C ARG A 364 21.83 -1.07 11.62
N VAL A 365 22.82 -1.39 10.79
CA VAL A 365 23.49 -0.38 9.98
C VAL A 365 23.48 -0.73 8.48
N ALA A 366 23.35 0.28 7.63
CA ALA A 366 23.39 0.06 6.19
C ALA A 366 24.84 -0.05 5.78
N THR A 367 25.11 -0.82 4.73
CA THR A 367 26.49 -1.12 4.38
C THR A 367 26.78 -0.76 2.94
N GLN A 368 25.73 -0.55 2.15
CA GLN A 368 25.93 -0.22 0.74
C GLN A 368 25.20 1.04 0.27
N LEU A 369 25.88 1.85 -0.51
CA LEU A 369 25.31 3.09 -1.00
C LEU A 369 25.04 3.00 -2.50
N VAL A 370 23.77 3.18 -2.86
CA VAL A 370 23.37 3.10 -4.25
C VAL A 370 23.01 4.48 -4.78
N VAL A 371 23.63 4.85 -5.89
CA VAL A 371 23.38 6.13 -6.53
C VAL A 371 22.67 5.96 -7.85
N SER A 372 21.50 6.54 -7.98
CA SER A 372 20.80 6.51 -9.25
C SER A 372 20.60 7.92 -9.81
N ILE A 373 20.72 8.04 -11.12
CA ILE A 373 20.49 9.31 -11.80
C ILE A 373 19.62 9.09 -13.04
N ARG A 374 18.99 10.16 -13.52
CA ARG A 374 18.29 10.15 -14.80
C ARG A 374 18.75 11.35 -15.63
N VAL A 375 19.02 11.09 -16.90
CA VAL A 375 19.50 12.15 -17.79
C VAL A 375 18.38 12.69 -18.66
N GLN A 376 18.49 13.95 -19.04
CA GLN A 376 17.58 14.57 -19.99
C GLN A 376 17.49 13.81 -21.31
N GLY A 377 16.27 13.54 -21.75
CA GLY A 377 16.07 12.81 -22.99
C GLY A 377 15.78 11.33 -22.79
N ASP A 378 15.78 10.89 -21.53
CA ASP A 378 15.48 9.50 -21.19
C ASP A 378 14.14 9.39 -20.44
N LYS A 379 13.27 8.51 -20.92
CA LYS A 379 11.95 8.30 -20.34
C LYS A 379 12.00 7.44 -19.08
N ARG A 380 13.00 6.55 -19.04
CA ARG A 380 13.09 5.55 -17.99
C ARG A 380 13.27 6.20 -16.63
N LEU A 381 12.75 5.54 -15.60
CA LEU A 381 12.77 6.07 -14.25
C LEU A 381 14.21 6.31 -13.85
N SER A 382 15.05 5.32 -14.18
CA SER A 382 16.47 5.46 -13.95
C SER A 382 17.22 5.27 -15.25
N SER A 383 18.16 6.18 -15.52
CA SER A 383 19.03 6.05 -16.67
C SER A 383 20.21 5.19 -16.30
N LEU A 384 20.60 5.27 -15.03
CA LEU A 384 21.82 4.61 -14.55
C LEU A 384 21.82 4.42 -13.04
N ARG A 385 22.40 3.29 -12.60
CA ARG A 385 22.54 2.98 -11.18
C ARG A 385 23.96 2.46 -10.90
N ARG A 386 24.61 3.05 -9.90
CA ARG A 386 25.94 2.65 -9.46
C ARG A 386 26.01 2.54 -7.95
N CYS A 387 26.81 1.60 -7.44
CA CYS A 387 26.89 1.41 -6.00
C CYS A 387 28.29 1.67 -5.47
N CYS A 388 28.40 1.84 -4.15
CA CYS A 388 29.70 1.90 -3.50
C CYS A 388 29.51 1.50 -2.04
N ALA A 389 30.61 1.25 -1.33
CA ALA A 389 30.53 0.87 0.08
C ALA A 389 30.04 2.04 0.91
N LEU A 390 29.17 1.75 1.87
CA LEU A 390 28.72 2.76 2.82
C LEU A 390 29.40 2.50 4.17
N THR A 391 30.57 3.08 4.35
CA THR A 391 31.40 2.78 5.53
C THR A 391 31.07 3.62 6.76
N ARG A 392 30.69 4.88 6.54
CA ARG A 392 30.37 5.78 7.64
C ARG A 392 29.15 6.66 7.31
N TYR A 393 28.25 6.78 8.28
CA TYR A 393 27.07 7.63 8.16
C TYR A 393 27.47 9.11 8.18
N ASP A 394 28.13 9.55 7.12
CA ASP A 394 28.63 10.92 7.05
C ASP A 394 28.17 11.55 5.75
N ALA A 395 27.40 12.62 5.86
CA ALA A 395 26.82 13.26 4.68
C ALA A 395 27.89 13.72 3.69
N HIS A 396 28.96 14.32 4.18
CA HIS A 396 30.01 14.80 3.27
C HIS A 396 30.73 13.65 2.56
N LYS A 397 30.99 12.58 3.30
CA LYS A 397 31.64 11.42 2.68
C LYS A 397 30.71 10.74 1.70
N MET A 398 29.47 10.45 2.13
CA MET A 398 28.50 9.79 1.27
C MET A 398 28.28 10.59 0.00
N SER A 399 28.07 11.90 0.16
CA SER A 399 27.85 12.80 -0.98
C SER A 399 29.07 12.78 -1.90
N HIS A 400 30.25 12.78 -1.31
CA HIS A 400 31.47 12.80 -2.12
C HIS A 400 31.72 11.45 -2.82
N ASP A 401 31.48 10.35 -2.10
CA ASP A 401 31.57 9.04 -2.72
C ASP A 401 30.56 8.91 -3.86
N ALA A 402 29.33 9.37 -3.62
CA ALA A 402 28.27 9.28 -4.63
C ALA A 402 28.70 10.03 -5.88
N PHE A 403 29.39 11.14 -5.69
CA PHE A 403 29.87 11.90 -6.83
C PHE A 403 30.92 11.12 -7.62
N THR A 404 31.87 10.52 -6.91
CA THR A 404 32.95 9.76 -7.53
C THR A 404 32.43 8.66 -8.46
N VAL A 405 31.52 7.83 -7.96
CA VAL A 405 30.96 6.75 -8.77
C VAL A 405 30.19 7.21 -10.02
N ILE A 406 29.56 8.38 -9.96
CA ILE A 406 28.76 8.80 -11.11
C ILE A 406 29.39 9.88 -11.99
N LYS A 407 30.46 10.53 -11.52
CA LYS A 407 31.08 11.61 -12.31
C LYS A 407 31.49 11.22 -13.74
N ASN A 408 31.85 9.95 -13.94
CA ASN A 408 32.25 9.48 -15.27
C ASN A 408 31.12 9.55 -16.31
N CYS A 409 29.89 9.66 -15.83
CA CYS A 409 28.70 9.69 -16.69
C CYS A 409 28.58 10.98 -17.52
N ASN A 410 29.10 12.07 -16.97
CA ASN A 410 29.08 13.35 -17.66
C ASN A 410 29.92 13.31 -18.93
N THR A 411 29.27 13.44 -20.09
CA THR A 411 29.97 13.42 -21.38
C THR A 411 30.88 14.65 -21.48
N SER A 412 30.32 15.82 -21.21
CA SER A 412 31.07 17.07 -21.05
C SER A 412 30.13 18.18 -20.60
N THR A 416 33.65 22.59 -16.21
CA THR A 416 32.91 22.83 -14.98
C THR A 416 31.42 22.59 -15.23
N GLU A 417 31.10 22.21 -16.47
CA GLU A 417 29.72 21.96 -16.87
C GLU A 417 29.35 20.50 -16.69
N TRP A 418 28.05 20.21 -16.75
CA TRP A 418 27.57 18.84 -16.75
C TRP A 418 26.57 18.62 -17.89
N SER A 419 26.83 17.62 -18.71
CA SER A 419 25.89 17.27 -19.77
C SER A 419 26.00 15.79 -20.12
N PRO A 420 24.86 15.15 -20.47
CA PRO A 420 23.49 15.70 -20.49
C PRO A 420 23.00 15.96 -19.06
N PRO A 421 22.43 17.15 -18.83
CA PRO A 421 21.96 17.57 -17.50
C PRO A 421 21.09 16.51 -16.85
N LEU A 422 21.17 16.42 -15.53
CA LEU A 422 20.44 15.38 -14.81
C LEU A 422 19.03 15.82 -14.48
N THR A 423 18.05 14.96 -14.74
CA THR A 423 16.69 15.25 -14.35
C THR A 423 16.35 14.55 -13.05
N MET A 424 17.32 13.85 -12.48
CA MET A 424 17.06 13.07 -11.28
C MET A 424 18.34 12.73 -10.53
N LEU A 425 18.31 12.88 -9.21
CA LEU A 425 19.34 12.35 -8.36
C LEU A 425 18.65 11.46 -7.34
N PHE A 426 19.27 10.32 -7.06
CA PHE A 426 18.72 9.36 -6.13
C PHE A 426 19.89 8.80 -5.29
N LEU A 427 19.75 8.85 -3.98
CA LEU A 427 20.67 8.16 -3.09
C LEU A 427 19.91 7.15 -2.28
N CYS A 428 20.40 5.93 -2.26
CA CYS A 428 19.74 4.87 -1.51
C CYS A 428 20.71 4.03 -0.70
N ALA A 429 20.38 3.83 0.58
CA ALA A 429 21.18 2.92 1.40
C ALA A 429 20.55 1.53 1.47
N THR A 430 21.39 0.51 1.29
CA THR A 430 20.94 -0.89 1.26
C THR A 430 21.86 -1.81 2.06
N LYS A 431 21.51 -3.10 2.08
CA LYS A 431 22.26 -4.14 2.77
C LYS A 431 22.50 -3.85 4.27
N PHE A 432 21.42 -3.83 5.03
CA PHE A 432 21.45 -3.68 6.49
C PHE A 432 21.98 -4.91 7.24
N SER A 433 22.82 -4.65 8.24
CA SER A 433 23.42 -5.69 9.07
C SER A 433 23.07 -5.44 10.52
N ALA A 434 22.77 -6.52 11.25
CA ALA A 434 22.48 -6.42 12.67
C ALA A 434 23.67 -5.84 13.44
N SER A 435 23.37 -4.94 14.37
CA SER A 435 24.34 -4.36 15.30
C SER A 435 23.61 -3.41 16.22
C1 GOL D . -16.41 -16.42 -14.62
O1 GOL D . -15.57 -16.16 -15.73
C2 GOL D . -15.52 -16.76 -13.43
O2 GOL D . -15.64 -15.75 -12.45
C3 GOL D . -15.95 -18.13 -12.89
O3 GOL D . -14.86 -18.78 -12.27
#